data_7S94
#
_entry.id   7S94
#
_cell.length_a   96.860
_cell.length_b   34.219
_cell.length_c   100.445
_cell.angle_alpha   90.000
_cell.angle_beta   99.950
_cell.angle_gamma   90.000
#
_symmetry.space_group_name_H-M   'P 1 21 1'
#
loop_
_entity.id
_entity.type
_entity.pdbx_description
1 polymer 'Endogenous retrovirus group S71 member 1 Env polyprotein'
2 non-polymer 'CHLORIDE ION'
3 non-polymer DI(HYDROXYETHYL)ETHER
4 water water
#
_entity_poly.entity_id   1
_entity_poly.type   'polypeptide(L)'
_entity_poly.pdbx_seq_one_letter_code
;GSGQQLEKGLSNLHRIVTEDLQALEKSVSNLEESLTSLSEVVLQNRRGLDLLFLKEGGLCVALKEECSFYVDHSGAIRDS
MSKLRERLEKRHKEKEAG
;
_entity_poly.pdbx_strand_id   A,B,C,D,E,F
#
# COMPACT_ATOMS: atom_id res chain seq x y z
N SER A 2 38.86 -34.10 -39.16
CA SER A 2 38.71 -34.00 -37.72
C SER A 2 38.36 -32.51 -37.42
N GLY A 3 38.78 -31.55 -38.25
CA GLY A 3 38.20 -30.22 -38.14
C GLY A 3 36.69 -30.21 -38.35
N GLN A 4 36.22 -30.97 -39.32
CA GLN A 4 34.77 -31.11 -39.51
C GLN A 4 34.14 -31.80 -38.32
N GLN A 5 34.79 -32.86 -37.81
CA GLN A 5 34.28 -33.54 -36.61
C GLN A 5 34.26 -32.62 -35.40
N LEU A 6 35.23 -31.72 -35.29
CA LEU A 6 35.24 -30.78 -34.17
C LEU A 6 34.07 -29.81 -34.26
N GLU A 7 33.76 -29.35 -35.49
CA GLU A 7 32.58 -28.51 -35.71
C GLU A 7 31.30 -29.23 -35.28
N LYS A 8 31.10 -30.48 -35.72
CA LYS A 8 29.99 -31.28 -35.20
C LYS A 8 30.08 -31.44 -33.68
N GLY A 9 31.29 -31.51 -33.13
CA GLY A 9 31.42 -31.60 -31.69
C GLY A 9 30.93 -30.34 -30.98
N LEU A 10 31.28 -29.18 -31.49
CA LEU A 10 30.79 -27.94 -30.91
C LEU A 10 29.27 -27.89 -30.92
N SER A 11 28.67 -28.19 -32.07
CA SER A 11 27.21 -28.20 -32.21
C SER A 11 26.58 -29.23 -31.29
N ASN A 12 27.16 -30.43 -31.23
CA ASN A 12 26.63 -31.45 -30.34
C ASN A 12 26.66 -30.97 -28.89
N LEU A 13 27.80 -30.40 -28.45
CA LEU A 13 27.86 -29.92 -27.07
C LEU A 13 26.81 -28.84 -26.84
N HIS A 14 26.69 -27.92 -27.80
CA HIS A 14 25.68 -26.88 -27.68
C HIS A 14 24.28 -27.48 -27.48
N ARG A 15 23.94 -28.49 -28.29
CA ARG A 15 22.61 -29.10 -28.19
C ARG A 15 22.38 -29.70 -26.81
N ILE A 16 23.40 -30.39 -26.27
CA ILE A 16 23.25 -31.13 -25.01
C ILE A 16 23.15 -30.18 -23.83
N VAL A 17 24.02 -29.18 -23.80
CA VAL A 17 23.95 -28.18 -22.74
C VAL A 17 22.61 -27.45 -22.79
N THR A 18 22.12 -27.15 -23.99
CA THR A 18 20.84 -26.45 -24.11
C THR A 18 19.71 -27.27 -23.49
N GLU A 19 19.67 -28.58 -23.73
CA GLU A 19 18.63 -29.41 -23.14
C GLU A 19 18.74 -29.46 -21.63
N ASP A 20 19.96 -29.41 -21.07
CA ASP A 20 20.08 -29.40 -19.61
C ASP A 20 19.74 -28.02 -19.00
N LEU A 21 20.15 -26.94 -19.67
CA LEU A 21 19.75 -25.61 -19.23
C LEU A 21 18.25 -25.42 -19.30
N GLN A 22 17.59 -25.99 -20.32
CA GLN A 22 16.13 -25.90 -20.38
C GLN A 22 15.49 -26.66 -19.22
N ALA A 23 16.03 -27.82 -18.85
CA ALA A 23 15.49 -28.58 -17.72
C ALA A 23 15.59 -27.78 -16.42
N LEU A 24 16.75 -27.19 -16.16
CA LEU A 24 16.90 -26.34 -14.98
C LEU A 24 16.03 -25.09 -15.05
N GLU A 25 15.91 -24.47 -16.23
CA GLU A 25 15.04 -23.30 -16.35
C GLU A 25 13.60 -23.65 -16.02
N LYS A 26 13.09 -24.77 -16.54
CA LYS A 26 11.71 -25.15 -16.24
C LYS A 26 11.55 -25.42 -14.75
N SER A 27 12.54 -26.04 -14.11
CA SER A 27 12.40 -26.38 -12.70
C SER A 27 12.54 -25.15 -11.80
N VAL A 28 13.47 -24.27 -12.10
CA VAL A 28 13.55 -22.99 -11.40
C VAL A 28 12.21 -22.25 -11.52
N SER A 29 11.64 -22.21 -12.72
CA SER A 29 10.38 -21.48 -12.90
C SER A 29 9.23 -22.14 -12.15
N ASN A 30 9.17 -23.47 -12.15
CA ASN A 30 8.19 -24.17 -11.32
C ASN A 30 8.38 -23.84 -9.84
N LEU A 31 9.62 -23.89 -9.36
CA LEU A 31 9.89 -23.57 -7.95
C LEU A 31 9.43 -22.16 -7.61
N GLU A 32 9.66 -21.21 -8.51
CA GLU A 32 9.24 -19.83 -8.27
C GLU A 32 7.72 -19.72 -8.18
N GLU A 33 7.00 -20.41 -9.07
CA GLU A 33 5.54 -20.37 -8.99
C GLU A 33 5.05 -20.98 -7.68
N SER A 34 5.63 -22.11 -7.27
CA SER A 34 5.22 -22.74 -6.02
C SER A 34 5.54 -21.86 -4.82
N LEU A 35 6.78 -21.36 -4.76
CA LEU A 35 7.18 -20.53 -3.63
C LEU A 35 6.30 -19.29 -3.50
N THR A 36 6.00 -18.63 -4.63
CA THR A 36 5.17 -17.43 -4.61
C THR A 36 3.74 -17.77 -4.17
N SER A 37 3.19 -18.88 -4.64
CA SER A 37 1.88 -19.30 -4.16
C SER A 37 1.89 -19.63 -2.66
N LEU A 38 2.98 -20.24 -2.17
CA LEU A 38 3.08 -20.54 -0.74
C LEU A 38 3.16 -19.26 0.09
N SER A 39 3.88 -18.25 -0.38
CA SER A 39 3.99 -17.01 0.36
C SER A 39 2.64 -16.34 0.55
N GLU A 40 1.77 -16.42 -0.45
CA GLU A 40 0.41 -15.88 -0.26
C GLU A 40 -0.40 -16.68 0.77
N VAL A 41 -0.23 -18.02 0.80
CA VAL A 41 -0.88 -18.83 1.83
C VAL A 41 -0.39 -18.44 3.23
N VAL A 42 0.93 -18.28 3.38
CA VAL A 42 1.55 -17.94 4.65
C VAL A 42 1.08 -16.58 5.13
N LEU A 43 1.08 -15.61 4.24
CA LEU A 43 0.68 -14.26 4.62
C LEU A 43 -0.80 -14.22 4.97
N GLN A 44 -1.62 -15.08 4.34
CA GLN A 44 -3.04 -15.17 4.69
C GLN A 44 -3.20 -15.79 6.06
N ASN A 45 -2.43 -16.85 6.35
CA ASN A 45 -2.39 -17.43 7.69
C ASN A 45 -2.00 -16.37 8.71
N ARG A 46 -1.02 -15.53 8.37
CA ARG A 46 -0.59 -14.49 9.31
C ARG A 46 -1.68 -13.45 9.53
N ARG A 47 -2.46 -13.11 8.49
CA ARG A 47 -3.58 -12.19 8.71
C ARG A 47 -4.59 -12.80 9.68
N GLY A 48 -4.80 -14.12 9.58
CA GLY A 48 -5.67 -14.78 10.56
C GLY A 48 -5.12 -14.73 11.98
N LEU A 49 -3.81 -14.94 12.13
CA LEU A 49 -3.18 -14.84 13.45
C LEU A 49 -3.24 -13.41 13.99
N ASP A 50 -3.08 -12.41 13.14
CA ASP A 50 -3.24 -11.04 13.61
C ASP A 50 -4.67 -10.77 14.08
N LEU A 51 -5.67 -11.41 13.43
CA LEU A 51 -7.04 -11.29 13.90
C LEU A 51 -7.20 -11.95 15.26
N LEU A 52 -6.62 -13.14 15.46
CA LEU A 52 -6.75 -13.85 16.74
C LEU A 52 -6.04 -13.11 17.86
N PHE A 53 -4.96 -12.39 17.56
CA PHE A 53 -4.20 -11.67 18.58
C PHE A 53 -4.51 -10.19 18.56
N LEU A 54 -5.69 -9.83 18.03
CA LEU A 54 -6.06 -8.43 17.85
C LEU A 54 -5.90 -7.65 19.14
N LYS A 55 -6.32 -8.23 20.27
CA LYS A 55 -6.31 -7.49 21.53
C LYS A 55 -4.88 -7.31 22.06
N GLU A 56 -3.97 -8.19 21.71
CA GLU A 56 -2.58 -8.10 22.16
C GLU A 56 -1.71 -7.27 21.21
N GLY A 57 -2.30 -6.70 20.16
CA GLY A 57 -1.55 -5.93 19.18
C GLY A 57 -0.99 -6.73 18.02
N GLY A 58 -1.54 -7.91 17.72
CA GLY A 58 -1.03 -8.73 16.65
C GLY A 58 -0.05 -9.81 17.10
N LEU A 59 0.26 -10.67 16.14
CA LEU A 59 1.07 -11.86 16.39
C LEU A 59 2.45 -11.51 16.96
N CYS A 60 3.17 -10.62 16.32
CA CYS A 60 4.55 -10.37 16.72
C CYS A 60 4.62 -9.68 18.07
N VAL A 61 3.73 -8.72 18.35
CA VAL A 61 3.68 -8.14 19.70
C VAL A 61 3.35 -9.20 20.73
N ALA A 62 2.35 -10.04 20.43
CA ALA A 62 1.92 -11.07 21.39
C ALA A 62 3.09 -11.98 21.75
N LEU A 63 3.97 -12.26 20.79
CA LEU A 63 5.13 -13.10 21.02
C LEU A 63 6.34 -12.33 21.55
N LYS A 64 6.27 -11.01 21.65
CA LYS A 64 7.43 -10.19 22.01
C LYS A 64 8.61 -10.51 21.11
N GLU A 65 8.35 -10.57 19.80
CA GLU A 65 9.40 -10.81 18.83
C GLU A 65 9.37 -9.74 17.73
N GLU A 66 10.54 -9.51 17.14
CA GLU A 66 10.61 -8.79 15.86
C GLU A 66 9.93 -9.62 14.77
N CYS A 67 9.09 -8.97 13.95
CA CYS A 67 8.36 -9.69 12.91
C CYS A 67 9.31 -10.20 11.83
N SER A 68 9.20 -11.47 11.49
CA SER A 68 9.95 -12.00 10.35
C SER A 68 9.39 -11.42 9.06
N PHE A 69 10.26 -11.21 8.09
CA PHE A 69 9.94 -10.51 6.84
C PHE A 69 10.19 -11.44 5.65
N TYR A 70 9.22 -11.55 4.74
CA TYR A 70 9.41 -12.33 3.55
C TYR A 70 10.11 -11.53 2.44
N VAL A 71 11.21 -12.09 1.91
CA VAL A 71 11.96 -11.45 0.83
C VAL A 71 11.46 -12.00 -0.51
N ASP A 72 10.85 -11.15 -1.32
CA ASP A 72 10.23 -11.51 -2.59
C ASP A 72 11.18 -11.18 -3.76
N HIS A 73 11.54 -12.20 -4.52
CA HIS A 73 12.34 -12.03 -5.73
C HIS A 73 11.60 -12.50 -6.99
N SER A 74 10.26 -12.59 -6.96
CA SER A 74 9.55 -13.23 -8.08
C SER A 74 9.78 -12.50 -9.40
N GLY A 75 9.62 -11.17 -9.42
CA GLY A 75 9.83 -10.44 -10.67
C GLY A 75 11.19 -10.69 -11.28
N ALA A 76 12.25 -10.60 -10.46
CA ALA A 76 13.61 -10.83 -10.92
C ALA A 76 13.80 -12.26 -11.43
N ILE A 77 13.28 -13.25 -10.72
CA ILE A 77 13.42 -14.63 -11.18
C ILE A 77 12.66 -14.84 -12.48
N ARG A 78 11.44 -14.29 -12.58
CA ARG A 78 10.66 -14.52 -13.80
C ARG A 78 11.31 -13.86 -15.01
N ASP A 79 11.90 -12.67 -14.83
CA ASP A 79 12.57 -11.97 -15.92
C ASP A 79 13.88 -12.67 -16.33
N SER A 80 14.70 -13.04 -15.35
CA SER A 80 15.91 -13.80 -15.63
C SER A 80 15.60 -15.06 -16.45
N MET A 81 14.57 -15.82 -16.06
CA MET A 81 14.25 -17.04 -16.78
C MET A 81 13.55 -16.81 -18.11
N SER A 82 12.73 -15.76 -18.24
CA SER A 82 12.15 -15.46 -19.53
C SER A 82 13.24 -15.13 -20.54
N LYS A 83 14.20 -14.28 -20.15
CA LYS A 83 15.28 -13.96 -21.07
C LYS A 83 16.10 -15.21 -21.40
N LEU A 84 16.32 -16.08 -20.41
CA LEU A 84 17.07 -17.32 -20.66
C LEU A 84 16.33 -18.24 -21.65
N ARG A 85 15.01 -18.35 -21.54
CA ARG A 85 14.25 -19.12 -22.52
C ARG A 85 14.39 -18.51 -23.91
N GLU A 86 14.39 -17.18 -24.02
CA GLU A 86 14.52 -16.52 -25.32
C GLU A 86 15.89 -16.80 -25.99
N ARG A 87 16.97 -16.70 -25.22
CA ARG A 87 18.30 -17.02 -25.74
C ARG A 87 18.41 -18.48 -26.12
N LEU A 88 17.91 -19.38 -25.28
CA LEU A 88 18.00 -20.81 -25.62
C LEU A 88 17.24 -21.10 -26.93
N GLU A 89 16.04 -20.52 -27.07
CA GLU A 89 15.22 -20.79 -28.25
C GLU A 89 15.83 -20.17 -29.50
N LYS A 90 16.37 -18.95 -29.40
CA LYS A 90 16.79 -18.27 -30.61
C LYS A 90 18.04 -18.91 -31.19
N ARG A 91 18.86 -19.55 -30.36
CA ARG A 91 20.04 -20.24 -30.84
C ARG A 91 19.76 -21.66 -31.32
N HIS A 92 18.61 -22.23 -30.95
CA HIS A 92 18.24 -23.57 -31.38
C HIS A 92 18.14 -23.61 -32.89
N LYS A 93 18.96 -24.47 -33.51
CA LYS A 93 19.12 -24.45 -34.96
C LYS A 93 18.70 -25.76 -35.59
N GLY B 3 44.92 -23.14 -33.99
CA GLY B 3 44.10 -23.79 -32.98
C GLY B 3 44.45 -25.26 -32.90
N GLN B 4 45.40 -25.62 -32.04
CA GLN B 4 45.98 -26.96 -32.08
C GLN B 4 45.45 -27.90 -31.01
N GLN B 5 45.01 -27.37 -29.90
CA GLN B 5 44.50 -28.17 -28.80
C GLN B 5 43.00 -27.94 -28.67
N LEU B 6 42.33 -27.86 -29.82
CA LEU B 6 40.89 -27.68 -29.81
C LEU B 6 40.18 -28.87 -29.19
N GLU B 7 40.69 -30.08 -29.39
CA GLU B 7 40.03 -31.22 -28.80
C GLU B 7 40.09 -31.13 -27.27
N LYS B 8 41.26 -30.79 -26.73
CA LYS B 8 41.37 -30.58 -25.28
C LYS B 8 40.48 -29.44 -24.81
N GLY B 9 40.40 -28.35 -25.58
CA GLY B 9 39.52 -27.27 -25.18
C GLY B 9 38.06 -27.70 -25.17
N LEU B 10 37.66 -28.51 -26.13
CA LEU B 10 36.27 -28.94 -26.18
C LEU B 10 35.94 -29.87 -25.02
N SER B 11 36.81 -30.86 -24.75
CA SER B 11 36.51 -31.74 -23.63
C SER B 11 36.62 -30.99 -22.32
N ASN B 12 37.53 -30.01 -22.21
CA ASN B 12 37.58 -29.17 -21.02
C ASN B 12 36.26 -28.44 -20.82
N LEU B 13 35.76 -27.80 -21.86
CA LEU B 13 34.49 -27.10 -21.74
C LEU B 13 33.39 -28.06 -21.29
N HIS B 14 33.32 -29.24 -21.92
CA HIS B 14 32.32 -30.21 -21.50
C HIS B 14 32.44 -30.52 -20.02
N ARG B 15 33.66 -30.79 -19.56
CA ARG B 15 33.88 -31.11 -18.15
C ARG B 15 33.42 -29.98 -17.23
N ILE B 16 33.86 -28.75 -17.50
CA ILE B 16 33.51 -27.61 -16.66
C ILE B 16 32.00 -27.42 -16.58
N VAL B 17 31.34 -27.47 -17.73
CA VAL B 17 29.89 -27.23 -17.74
C VAL B 17 29.17 -28.36 -17.00
N THR B 18 29.64 -29.59 -17.16
CA THR B 18 29.06 -30.69 -16.40
C THR B 18 29.15 -30.44 -14.90
N GLU B 19 30.32 -30.00 -14.42
CA GLU B 19 30.47 -29.65 -13.00
C GLU B 19 29.45 -28.59 -12.60
N ASP B 20 29.26 -27.58 -13.44
CA ASP B 20 28.35 -26.49 -13.06
C ASP B 20 26.90 -26.93 -13.11
N LEU B 21 26.53 -27.78 -14.09
CA LEU B 21 25.16 -28.29 -14.15
C LEU B 21 24.86 -29.16 -12.94
N GLN B 22 25.87 -29.91 -12.46
CA GLN B 22 25.66 -30.76 -11.29
C GLN B 22 25.43 -29.92 -10.05
N ALA B 23 26.17 -28.83 -9.90
CA ALA B 23 25.91 -27.97 -8.74
C ALA B 23 24.49 -27.41 -8.79
N LEU B 24 24.05 -26.99 -9.98
CA LEU B 24 22.71 -26.41 -10.08
C LEU B 24 21.62 -27.47 -9.84
N GLU B 25 21.83 -28.68 -10.37
CA GLU B 25 20.87 -29.76 -10.10
C GLU B 25 20.77 -30.06 -8.60
N LYS B 26 21.91 -30.23 -7.92
CA LYS B 26 21.85 -30.51 -6.49
C LYS B 26 21.12 -29.40 -5.74
N SER B 27 21.34 -28.14 -6.12
CA SER B 27 20.73 -27.02 -5.44
C SER B 27 19.24 -26.92 -5.72
N VAL B 28 18.84 -27.08 -6.98
CA VAL B 28 17.42 -27.15 -7.31
C VAL B 28 16.74 -28.26 -6.53
N SER B 29 17.36 -29.46 -6.47
CA SER B 29 16.75 -30.58 -5.77
C SER B 29 16.69 -30.35 -4.27
N ASN B 30 17.69 -29.66 -3.69
CA ASN B 30 17.57 -29.30 -2.28
C ASN B 30 16.44 -28.27 -2.06
N LEU B 31 16.33 -27.28 -2.95
CA LEU B 31 15.24 -26.31 -2.83
C LEU B 31 13.88 -27.00 -2.90
N GLU B 32 13.76 -28.02 -3.77
CA GLU B 32 12.49 -28.71 -3.91
C GLU B 32 12.13 -29.43 -2.63
N GLU B 33 13.11 -30.11 -2.01
CA GLU B 33 12.83 -30.82 -0.77
C GLU B 33 12.48 -29.85 0.37
N SER B 34 13.21 -28.74 0.47
CA SER B 34 12.88 -27.78 1.53
C SER B 34 11.50 -27.17 1.32
N LEU B 35 11.19 -26.75 0.08
CA LEU B 35 9.91 -26.11 -0.22
C LEU B 35 8.75 -27.05 0.03
N THR B 36 8.87 -28.31 -0.41
CA THR B 36 7.79 -29.25 -0.16
C THR B 36 7.59 -29.45 1.35
N SER B 37 8.67 -29.61 2.10
CA SER B 37 8.54 -29.72 3.55
C SER B 37 7.91 -28.47 4.16
N LEU B 38 8.29 -27.27 3.70
CA LEU B 38 7.65 -26.05 4.20
C LEU B 38 6.15 -26.00 3.88
N SER B 39 5.74 -26.46 2.68
CA SER B 39 4.31 -26.49 2.36
C SER B 39 3.54 -27.37 3.34
N GLU B 40 4.12 -28.51 3.77
CA GLU B 40 3.42 -29.35 4.73
C GLU B 40 3.30 -28.65 6.08
N VAL B 41 4.34 -27.93 6.50
CA VAL B 41 4.25 -27.17 7.75
C VAL B 41 3.15 -26.13 7.63
N VAL B 42 3.05 -25.48 6.48
CA VAL B 42 2.14 -24.35 6.28
C VAL B 42 0.70 -24.82 6.21
N LEU B 43 0.46 -25.95 5.54
CA LEU B 43 -0.90 -26.49 5.51
C LEU B 43 -1.30 -27.04 6.89
N GLN B 44 -0.35 -27.56 7.67
CA GLN B 44 -0.67 -27.95 9.04
C GLN B 44 -0.97 -26.71 9.90
N ASN B 45 -0.19 -25.66 9.75
CA ASN B 45 -0.55 -24.39 10.39
C ASN B 45 -1.96 -23.94 10.00
N ARG B 46 -2.32 -24.03 8.74
CA ARG B 46 -3.67 -23.62 8.34
C ARG B 46 -4.78 -24.55 8.89
N ARG B 47 -4.53 -25.85 9.04
CA ARG B 47 -5.52 -26.69 9.73
C ARG B 47 -5.71 -26.22 11.18
N GLY B 48 -4.63 -25.83 11.85
CA GLY B 48 -4.79 -25.23 13.18
C GLY B 48 -5.65 -23.97 13.15
N LEU B 49 -5.44 -23.11 12.17
CA LEU B 49 -6.23 -21.89 12.06
C LEU B 49 -7.68 -22.23 11.78
N ASP B 50 -7.92 -23.23 10.92
CA ASP B 50 -9.31 -23.62 10.62
C ASP B 50 -10.00 -24.15 11.87
N LEU B 51 -9.25 -24.81 12.74
CA LEU B 51 -9.80 -25.27 14.01
C LEU B 51 -10.12 -24.09 14.93
N LEU B 52 -9.22 -23.12 15.04
CA LEU B 52 -9.50 -21.96 15.88
C LEU B 52 -10.72 -21.20 15.38
N PHE B 53 -10.96 -21.20 14.07
CA PHE B 53 -12.08 -20.48 13.46
C PHE B 53 -13.23 -21.42 13.08
N LEU B 54 -13.35 -22.55 13.77
CA LEU B 54 -14.32 -23.58 13.37
C LEU B 54 -15.73 -23.01 13.24
N LYS B 55 -16.23 -22.38 14.29
CA LYS B 55 -17.63 -21.97 14.26
C LYS B 55 -17.87 -20.84 13.26
N GLU B 56 -16.82 -20.08 12.92
CA GLU B 56 -16.89 -19.06 11.88
C GLU B 56 -16.81 -19.64 10.47
N GLY B 57 -16.60 -20.94 10.33
CA GLY B 57 -16.42 -21.52 9.02
C GLY B 57 -14.98 -21.61 8.51
N GLY B 58 -14.00 -21.48 9.39
CA GLY B 58 -12.61 -21.63 8.99
C GLY B 58 -11.96 -20.29 8.69
N LEU B 59 -10.69 -20.39 8.31
CA LEU B 59 -9.82 -19.21 8.27
C LEU B 59 -10.30 -18.21 7.22
N CYS B 60 -10.48 -18.66 5.97
CA CYS B 60 -10.72 -17.67 4.92
C CYS B 60 -12.13 -17.09 5.01
N VAL B 61 -13.10 -17.85 5.49
CA VAL B 61 -14.41 -17.27 5.74
C VAL B 61 -14.32 -16.21 6.82
N ALA B 62 -13.60 -16.52 7.89
CA ALA B 62 -13.49 -15.59 9.00
C ALA B 62 -12.80 -14.31 8.56
N LEU B 63 -11.86 -14.40 7.62
CA LEU B 63 -11.23 -13.20 7.08
C LEU B 63 -12.08 -12.49 6.04
N LYS B 64 -13.15 -13.12 5.54
CA LYS B 64 -13.92 -12.57 4.42
C LYS B 64 -13.06 -12.46 3.16
N GLU B 65 -12.21 -13.46 2.93
CA GLU B 65 -11.29 -13.48 1.79
C GLU B 65 -11.48 -14.78 1.01
N GLU B 66 -11.22 -14.72 -0.30
CA GLU B 66 -11.01 -15.93 -1.09
C GLU B 66 -9.77 -16.66 -0.59
N CYS B 67 -9.83 -17.98 -0.52
CA CYS B 67 -8.70 -18.74 -0.01
C CYS B 67 -7.58 -18.78 -1.05
N SER B 68 -6.35 -18.51 -0.61
CA SER B 68 -5.16 -18.78 -1.39
C SER B 68 -4.79 -20.24 -1.28
N PHE B 69 -4.26 -20.80 -2.36
CA PHE B 69 -3.92 -22.21 -2.40
C PHE B 69 -2.51 -22.43 -2.94
N TYR B 70 -1.91 -23.53 -2.49
CA TYR B 70 -0.54 -23.86 -2.85
C TYR B 70 -0.51 -24.54 -4.22
N VAL B 71 0.41 -24.12 -5.07
CA VAL B 71 0.56 -24.69 -6.40
C VAL B 71 1.73 -25.66 -6.30
N ASP B 72 1.45 -26.94 -6.47
CA ASP B 72 2.44 -27.97 -6.24
C ASP B 72 3.04 -28.45 -7.57
N HIS B 73 4.37 -28.37 -7.68
CA HIS B 73 5.08 -28.91 -8.84
C HIS B 73 6.14 -29.93 -8.44
N SER B 74 6.02 -30.52 -7.24
CA SER B 74 7.01 -31.44 -6.71
C SER B 74 7.33 -32.57 -7.70
N GLY B 75 6.28 -33.18 -8.27
CA GLY B 75 6.47 -34.35 -9.11
C GLY B 75 7.24 -34.00 -10.37
N ALA B 76 6.86 -32.90 -11.00
CA ALA B 76 7.54 -32.45 -12.20
C ALA B 76 9.00 -32.10 -11.94
N ILE B 77 9.28 -31.33 -10.89
CA ILE B 77 10.67 -30.97 -10.57
C ILE B 77 11.50 -32.21 -10.29
N ARG B 78 10.96 -33.11 -9.48
CA ARG B 78 11.72 -34.29 -9.08
C ARG B 78 12.05 -35.16 -10.29
N ASP B 79 11.07 -35.38 -11.19
CA ASP B 79 11.33 -36.15 -12.41
C ASP B 79 12.32 -35.44 -13.34
N SER B 80 12.12 -34.13 -13.54
CA SER B 80 13.05 -33.37 -14.37
C SER B 80 14.47 -33.52 -13.85
N MET B 81 14.64 -33.42 -12.54
CA MET B 81 15.99 -33.37 -11.97
C MET B 81 16.57 -34.79 -11.90
N SER B 82 15.72 -35.78 -11.76
CA SER B 82 16.17 -37.18 -11.82
C SER B 82 16.73 -37.50 -13.20
N LYS B 83 16.01 -37.10 -14.26
CA LYS B 83 16.51 -37.39 -15.60
C LYS B 83 17.79 -36.63 -15.87
N LEU B 84 17.87 -35.39 -15.40
CA LEU B 84 19.11 -34.63 -15.56
C LEU B 84 20.27 -35.31 -14.85
N ARG B 85 20.06 -35.77 -13.60
CA ARG B 85 21.16 -36.44 -12.90
C ARG B 85 21.60 -37.68 -13.65
N GLU B 86 20.64 -38.39 -14.23
CA GLU B 86 20.89 -39.57 -15.03
C GLU B 86 21.79 -39.27 -16.21
N ARG B 87 21.51 -38.16 -16.91
CA ARG B 87 22.38 -37.75 -18.01
C ARG B 87 23.75 -37.31 -17.52
N LEU B 88 23.81 -36.55 -16.42
CA LEU B 88 25.09 -35.95 -16.01
C LEU B 88 26.06 -37.01 -15.51
N GLU B 89 25.54 -38.05 -14.83
CA GLU B 89 26.38 -39.11 -14.30
C GLU B 89 26.85 -40.05 -15.40
N LYS B 90 25.96 -40.35 -16.38
CA LYS B 90 26.40 -41.06 -17.58
C LYS B 90 27.56 -40.30 -18.23
N ARG B 91 27.48 -38.98 -18.28
CA ARG B 91 28.54 -38.13 -18.84
C ARG B 91 29.73 -38.03 -17.90
N SER C 2 38.36 -24.22 -40.25
CA SER C 2 39.65 -23.55 -39.98
C SER C 2 39.93 -23.56 -38.47
N GLY C 3 41.20 -23.72 -38.11
CA GLY C 3 41.54 -23.80 -36.70
C GLY C 3 41.21 -22.53 -35.94
N GLN C 4 41.52 -21.38 -36.52
CA GLN C 4 41.20 -20.11 -35.88
C GLN C 4 39.69 -19.90 -35.82
N GLN C 5 38.97 -20.32 -36.87
CA GLN C 5 37.50 -20.27 -36.86
C GLN C 5 36.94 -21.13 -35.73
N LEU C 6 37.50 -22.33 -35.54
CA LEU C 6 37.02 -23.21 -34.49
C LEU C 6 37.37 -22.69 -33.09
N GLU C 7 38.55 -22.07 -32.95
CA GLU C 7 38.89 -21.39 -31.70
C GLU C 7 37.82 -20.38 -31.31
N LYS C 8 37.36 -19.59 -32.28
CA LYS C 8 36.37 -18.57 -31.97
C LYS C 8 35.03 -19.21 -31.64
N GLY C 9 34.67 -20.29 -32.33
CA GLY C 9 33.41 -20.96 -31.99
C GLY C 9 33.44 -21.53 -30.59
N LEU C 10 34.56 -22.15 -30.21
CA LEU C 10 34.70 -22.65 -28.84
C LEU C 10 34.60 -21.52 -27.82
N SER C 11 35.29 -20.40 -28.08
CA SER C 11 35.24 -19.26 -27.15
C SER C 11 33.84 -18.71 -27.07
N ASN C 12 33.15 -18.66 -28.20
CA ASN C 12 31.80 -18.12 -28.22
C ASN C 12 30.83 -19.01 -27.48
N LEU C 13 31.01 -20.32 -27.61
CA LEU C 13 30.14 -21.22 -26.88
C LEU C 13 30.37 -21.07 -25.40
N HIS C 14 31.63 -21.03 -25.00
CA HIS C 14 31.92 -20.81 -23.58
C HIS C 14 31.27 -19.53 -23.07
N ARG C 15 31.43 -18.44 -23.79
CA ARG C 15 30.85 -17.17 -23.35
C ARG C 15 29.34 -17.29 -23.12
N ILE C 16 28.63 -17.93 -24.05
CA ILE C 16 27.18 -17.91 -23.93
C ILE C 16 26.68 -18.91 -22.90
N VAL C 17 27.37 -20.04 -22.73
CA VAL C 17 26.98 -20.97 -21.68
C VAL C 17 27.22 -20.36 -20.31
N THR C 18 28.35 -19.67 -20.14
CA THR C 18 28.62 -19.00 -18.86
C THR C 18 27.52 -18.00 -18.51
N GLU C 19 27.05 -17.22 -19.49
CA GLU C 19 25.95 -16.28 -19.22
C GLU C 19 24.68 -17.00 -18.75
N ASP C 20 24.34 -18.12 -19.41
CA ASP C 20 23.14 -18.84 -19.01
C ASP C 20 23.30 -19.46 -17.62
N LEU C 21 24.50 -20.01 -17.31
CA LEU C 21 24.74 -20.55 -15.99
C LEU C 21 24.69 -19.45 -14.94
N GLN C 22 25.15 -18.25 -15.27
CA GLN C 22 25.06 -17.15 -14.31
C GLN C 22 23.61 -16.78 -14.04
N ALA C 23 22.76 -16.79 -15.08
CA ALA C 23 21.35 -16.49 -14.85
C ALA C 23 20.73 -17.52 -13.91
N LEU C 24 21.09 -18.79 -14.08
CA LEU C 24 20.52 -19.81 -13.21
C LEU C 24 21.05 -19.71 -11.80
N GLU C 25 22.37 -19.49 -11.64
CA GLU C 25 22.91 -19.32 -10.29
C GLU C 25 22.22 -18.17 -9.57
N LYS C 26 22.09 -17.05 -10.24
CA LYS C 26 21.45 -15.91 -9.62
C LYS C 26 20.02 -16.25 -9.22
N SER C 27 19.30 -16.98 -10.07
CA SER C 27 17.91 -17.28 -9.74
C SER C 27 17.80 -18.31 -8.62
N VAL C 28 18.66 -19.33 -8.64
CA VAL C 28 18.68 -20.30 -7.55
C VAL C 28 19.02 -19.62 -6.22
N SER C 29 20.01 -18.70 -6.22
CA SER C 29 20.34 -18.00 -4.98
C SER C 29 19.23 -17.07 -4.53
N ASN C 30 18.49 -16.45 -5.47
CA ASN C 30 17.33 -15.68 -5.05
C ASN C 30 16.26 -16.56 -4.43
N LEU C 31 16.05 -17.75 -5.00
CA LEU C 31 15.04 -18.65 -4.45
C LEU C 31 15.42 -19.10 -3.05
N GLU C 32 16.70 -19.41 -2.84
CA GLU C 32 17.14 -19.80 -1.51
C GLU C 32 16.88 -18.69 -0.49
N GLU C 33 17.29 -17.45 -0.82
CA GLU C 33 17.06 -16.35 0.11
C GLU C 33 15.56 -16.20 0.39
N SER C 34 14.72 -16.24 -0.64
CA SER C 34 13.28 -16.09 -0.42
C SER C 34 12.76 -17.21 0.46
N LEU C 35 13.14 -18.44 0.12
CA LEU C 35 12.57 -19.59 0.79
C LEU C 35 12.97 -19.61 2.25
N THR C 36 14.23 -19.30 2.54
CA THR C 36 14.69 -19.22 3.92
C THR C 36 13.95 -18.14 4.71
N SER C 37 13.83 -16.95 4.13
CA SER C 37 13.02 -15.91 4.78
C SER C 37 11.59 -16.39 5.02
N LEU C 38 10.98 -17.08 4.05
CA LEU C 38 9.60 -17.56 4.26
C LEU C 38 9.53 -18.60 5.39
N SER C 39 10.53 -19.48 5.49
CA SER C 39 10.55 -20.45 6.57
C SER C 39 10.58 -19.75 7.93
N GLU C 40 11.21 -18.59 8.02
CA GLU C 40 11.22 -17.90 9.32
C GLU C 40 9.85 -17.33 9.64
N VAL C 41 9.16 -16.79 8.63
CA VAL C 41 7.80 -16.33 8.78
C VAL C 41 6.91 -17.47 9.26
N VAL C 42 7.03 -18.64 8.61
CA VAL C 42 6.18 -19.78 8.91
C VAL C 42 6.40 -20.26 10.33
N LEU C 43 7.67 -20.38 10.75
CA LEU C 43 7.91 -20.88 12.11
C LEU C 43 7.51 -19.84 13.17
N GLN C 44 7.58 -18.56 12.85
CA GLN C 44 6.99 -17.57 13.75
C GLN C 44 5.47 -17.72 13.81
N ASN C 45 4.81 -17.94 12.65
CA ASN C 45 3.36 -18.19 12.68
C ASN C 45 3.04 -19.39 13.57
N ARG C 46 3.84 -20.43 13.47
CA ARG C 46 3.59 -21.62 14.27
C ARG C 46 3.86 -21.37 15.75
N ARG C 47 4.80 -20.49 16.09
CA ARG C 47 4.96 -20.16 17.52
C ARG C 47 3.71 -19.47 18.05
N GLY C 48 3.09 -18.65 17.21
CA GLY C 48 1.83 -18.05 17.57
C GLY C 48 0.74 -19.08 17.76
N LEU C 49 0.70 -20.10 16.90
CA LEU C 49 -0.31 -21.14 17.07
C LEU C 49 -0.05 -21.97 18.33
N ASP C 50 1.21 -22.23 18.63
CA ASP C 50 1.52 -22.95 19.85
C ASP C 50 1.07 -22.20 21.08
N LEU C 51 1.18 -20.87 21.06
CA LEU C 51 0.66 -20.06 22.16
C LEU C 51 -0.87 -20.12 22.21
N LEU C 52 -1.53 -20.01 21.06
CA LEU C 52 -2.99 -20.06 21.08
C LEU C 52 -3.50 -21.41 21.53
N PHE C 53 -2.74 -22.48 21.27
CA PHE C 53 -3.10 -23.82 21.67
C PHE C 53 -2.38 -24.27 22.93
N LEU C 54 -1.86 -23.34 23.74
CA LEU C 54 -1.01 -23.73 24.85
C LEU C 54 -1.71 -24.72 25.78
N LYS C 55 -3.00 -24.50 26.04
CA LYS C 55 -3.72 -25.38 26.94
C LYS C 55 -3.77 -26.83 26.45
N GLU C 56 -3.74 -27.03 25.13
CA GLU C 56 -3.92 -28.35 24.54
C GLU C 56 -2.60 -29.02 24.20
N GLY C 57 -1.48 -28.46 24.67
CA GLY C 57 -0.17 -28.98 24.36
C GLY C 57 0.46 -28.48 23.06
N GLY C 58 -0.07 -27.42 22.46
CA GLY C 58 0.49 -26.91 21.21
C GLY C 58 -0.29 -27.34 19.98
N LEU C 59 0.17 -26.84 18.81
CA LEU C 59 -0.55 -27.05 17.56
C LEU C 59 -0.69 -28.52 17.20
N CYS C 60 0.43 -29.25 17.20
CA CYS C 60 0.39 -30.61 16.68
C CYS C 60 -0.37 -31.53 17.62
N VAL C 61 -0.22 -31.34 18.94
CA VAL C 61 -1.04 -32.10 19.89
C VAL C 61 -2.51 -31.74 19.72
N ALA C 62 -2.83 -30.45 19.56
CA ALA C 62 -4.24 -30.06 19.44
C ALA C 62 -4.89 -30.70 18.23
N LEU C 63 -4.17 -30.79 17.10
CA LEU C 63 -4.65 -31.43 15.90
C LEU C 63 -4.63 -32.96 15.94
N LYS C 64 -4.03 -33.55 16.98
CA LYS C 64 -3.77 -35.00 17.03
C LYS C 64 -3.08 -35.51 15.77
N GLU C 65 -1.99 -34.86 15.38
CA GLU C 65 -1.27 -35.24 14.16
C GLU C 65 0.23 -35.30 14.42
N GLU C 66 0.93 -36.09 13.59
CA GLU C 66 2.39 -36.00 13.56
C GLU C 66 2.76 -34.58 13.16
N CYS C 67 3.80 -34.05 13.80
CA CYS C 67 4.18 -32.67 13.56
C CYS C 67 5.06 -32.61 12.31
N SER C 68 4.63 -31.84 11.30
CA SER C 68 5.47 -31.57 10.13
C SER C 68 6.62 -30.66 10.51
N PHE C 69 7.76 -30.85 9.86
CA PHE C 69 8.93 -30.02 10.15
C PHE C 69 9.60 -29.60 8.86
N TYR C 70 10.30 -28.48 8.93
CA TYR C 70 11.00 -27.89 7.80
C TYR C 70 12.36 -28.55 7.60
N VAL C 71 12.68 -28.87 6.36
CA VAL C 71 13.99 -29.44 6.01
C VAL C 71 14.83 -28.30 5.44
N ASP C 72 15.87 -27.91 6.18
CA ASP C 72 16.69 -26.74 5.88
C ASP C 72 17.94 -27.19 5.14
N HIS C 73 18.11 -26.69 3.92
CA HIS C 73 19.34 -26.87 3.16
C HIS C 73 20.08 -25.55 2.91
N SER C 74 19.80 -24.50 3.69
CA SER C 74 20.35 -23.18 3.40
CA SER C 74 20.35 -23.18 3.38
C SER C 74 21.87 -23.22 3.25
N GLY C 75 22.54 -23.86 4.21
CA GLY C 75 24.00 -23.83 4.22
C GLY C 75 24.59 -24.47 2.97
N ALA C 76 24.04 -25.63 2.59
CA ALA C 76 24.57 -26.39 1.46
C ALA C 76 24.35 -25.63 0.16
N ILE C 77 23.16 -25.07 -0.02
CA ILE C 77 22.89 -24.35 -1.25
C ILE C 77 23.78 -23.11 -1.35
N ARG C 78 23.88 -22.35 -0.26
CA ARG C 78 24.66 -21.12 -0.35
C ARG C 78 26.15 -21.41 -0.59
N ASP C 79 26.68 -22.48 0.01
CA ASP C 79 28.06 -22.90 -0.24
C ASP C 79 28.26 -23.31 -1.68
N SER C 80 27.34 -24.14 -2.20
CA SER C 80 27.45 -24.60 -3.57
C SER C 80 27.38 -23.44 -4.56
N MET C 81 26.43 -22.52 -4.34
CA MET C 81 26.24 -21.44 -5.29
C MET C 81 27.35 -20.40 -5.19
N SER C 82 27.91 -20.21 -3.99
CA SER C 82 29.04 -19.29 -3.87
C SER C 82 30.28 -19.81 -4.63
N LYS C 83 30.58 -21.11 -4.55
CA LYS C 83 31.68 -21.66 -5.35
C LYS C 83 31.40 -21.59 -6.86
N LEU C 84 30.17 -21.89 -7.27
CA LEU C 84 29.78 -21.70 -8.67
C LEU C 84 29.97 -20.26 -9.13
N ARG C 85 29.49 -19.28 -8.34
CA ARG C 85 29.71 -17.89 -8.71
C ARG C 85 31.19 -17.57 -8.91
N GLU C 86 32.06 -18.07 -8.01
CA GLU C 86 33.50 -17.86 -8.14
C GLU C 86 34.00 -18.35 -9.50
N ARG C 87 33.61 -19.58 -9.88
CA ARG C 87 34.07 -20.14 -11.14
C ARG C 87 33.52 -19.34 -12.31
N LEU C 88 32.22 -19.01 -12.27
CA LEU C 88 31.62 -18.32 -13.41
C LEU C 88 32.19 -16.91 -13.56
N GLU C 89 32.35 -16.18 -12.46
CA GLU C 89 32.89 -14.84 -12.58
C GLU C 89 34.29 -14.86 -13.19
N LYS C 90 35.15 -15.79 -12.76
CA LYS C 90 36.48 -15.91 -13.34
C LYS C 90 36.42 -16.25 -14.83
N ARG C 91 35.55 -17.21 -15.21
CA ARG C 91 35.45 -17.57 -16.62
C ARG C 91 34.91 -16.41 -17.43
N HIS C 92 34.02 -15.62 -16.85
CA HIS C 92 33.44 -14.48 -17.54
C HIS C 92 34.51 -13.43 -17.84
N LYS C 93 35.32 -13.06 -16.85
CA LYS C 93 36.41 -12.12 -17.18
C LYS C 93 37.40 -12.74 -18.16
N GLU C 94 37.65 -14.05 -18.07
CA GLU C 94 38.60 -14.64 -19.01
C GLU C 94 38.12 -14.52 -20.44
N LYS C 95 36.83 -14.76 -20.70
CA LYS C 95 36.34 -14.75 -22.07
C LYS C 95 36.10 -13.34 -22.60
N GLU C 96 36.31 -12.28 -21.80
CA GLU C 96 36.20 -10.93 -22.35
C GLU C 96 37.30 -10.64 -23.37
N ALA C 97 38.40 -11.40 -23.32
CA ALA C 97 39.50 -11.27 -24.27
C ALA C 97 39.29 -12.08 -25.53
N GLY C 98 38.63 -13.23 -25.42
CA GLY C 98 38.53 -14.18 -26.51
C GLY C 98 38.14 -13.61 -27.86
N GLY D 9 -16.78 45.57 -24.32
CA GLY D 9 -16.35 44.20 -24.10
C GLY D 9 -15.67 43.99 -22.76
N LEU D 10 -14.66 44.81 -22.47
CA LEU D 10 -14.05 44.78 -21.15
C LEU D 10 -15.07 45.06 -20.07
N SER D 11 -16.08 45.88 -20.38
CA SER D 11 -17.11 46.19 -19.38
C SER D 11 -17.94 44.96 -19.07
N ASN D 12 -18.33 44.21 -20.09
CA ASN D 12 -19.12 43.00 -19.83
C ASN D 12 -18.28 41.93 -19.15
N LEU D 13 -17.00 41.82 -19.52
CA LEU D 13 -16.11 40.89 -18.83
C LEU D 13 -16.02 41.24 -17.35
N HIS D 14 -15.85 42.52 -17.04
CA HIS D 14 -15.74 42.96 -15.66
C HIS D 14 -17.04 42.73 -14.91
N ARG D 15 -18.18 42.98 -15.57
CA ARG D 15 -19.47 42.81 -14.93
C ARG D 15 -19.74 41.34 -14.60
N ILE D 16 -19.28 40.42 -15.43
CA ILE D 16 -19.67 39.03 -15.27
C ILE D 16 -18.72 38.29 -14.32
N VAL D 17 -17.42 38.56 -14.41
CA VAL D 17 -16.50 38.12 -13.36
C VAL D 17 -17.00 38.58 -12.02
N THR D 18 -17.32 39.88 -11.90
CA THR D 18 -17.84 40.41 -10.65
C THR D 18 -19.05 39.61 -10.17
N GLU D 19 -19.95 39.21 -11.08
CA GLU D 19 -21.10 38.41 -10.65
C GLU D 19 -20.66 37.11 -10.01
N ASP D 20 -19.62 36.48 -10.57
CA ASP D 20 -19.13 35.21 -10.04
C ASP D 20 -18.36 35.41 -8.74
N LEU D 21 -17.53 36.46 -8.67
CA LEU D 21 -16.83 36.81 -7.43
C LEU D 21 -17.81 36.98 -6.28
N GLN D 22 -18.94 37.63 -6.56
CA GLN D 22 -19.94 37.90 -5.55
C GLN D 22 -20.56 36.61 -5.04
N ALA D 23 -20.78 35.63 -5.93
CA ALA D 23 -21.38 34.38 -5.47
C ALA D 23 -20.37 33.58 -4.66
N LEU D 24 -19.10 33.60 -5.06
CA LEU D 24 -18.09 32.92 -4.27
C LEU D 24 -17.93 33.57 -2.91
N GLU D 25 -18.01 34.92 -2.85
CA GLU D 25 -17.85 35.62 -1.57
C GLU D 25 -18.95 35.21 -0.60
N LYS D 26 -20.20 35.23 -1.06
CA LYS D 26 -21.32 34.87 -0.20
C LYS D 26 -21.21 33.43 0.28
N SER D 27 -20.78 32.53 -0.60
CA SER D 27 -20.64 31.13 -0.22
C SER D 27 -19.48 30.92 0.75
N VAL D 28 -18.35 31.57 0.51
CA VAL D 28 -17.26 31.46 1.48
C VAL D 28 -17.71 32.02 2.84
N SER D 29 -18.44 33.13 2.82
CA SER D 29 -18.92 33.72 4.08
C SER D 29 -19.92 32.83 4.80
N ASN D 30 -20.83 32.18 4.06
CA ASN D 30 -21.75 31.19 4.66
C ASN D 30 -20.99 29.98 5.21
N LEU D 31 -20.01 29.47 4.47
CA LEU D 31 -19.19 28.39 5.00
C LEU D 31 -18.51 28.78 6.31
N GLU D 32 -17.93 30.00 6.39
CA GLU D 32 -17.29 30.43 7.64
C GLU D 32 -18.29 30.46 8.80
N GLU D 33 -19.48 31.02 8.60
CA GLU D 33 -20.44 31.10 9.69
C GLU D 33 -20.86 29.72 10.13
N SER D 34 -21.06 28.81 9.16
N SER D 34 -21.03 28.81 9.17
CA SER D 34 -21.47 27.46 9.47
CA SER D 34 -21.48 27.46 9.48
C SER D 34 -20.36 26.73 10.22
C SER D 34 -20.38 26.68 10.18
N LEU D 35 -19.16 26.76 9.68
CA LEU D 35 -18.04 26.08 10.32
C LEU D 35 -17.79 26.61 11.72
N THR D 36 -17.83 27.93 11.90
CA THR D 36 -17.60 28.48 13.23
C THR D 36 -18.68 28.00 14.22
N SER D 37 -19.95 27.99 13.80
CA SER D 37 -21.02 27.46 14.66
C SER D 37 -20.75 26.00 15.01
N LEU D 38 -20.31 25.19 14.06
CA LEU D 38 -20.06 23.78 14.34
C LEU D 38 -18.91 23.62 15.32
N SER D 39 -17.85 24.42 15.20
CA SER D 39 -16.75 24.31 16.14
C SER D 39 -17.20 24.58 17.57
N GLU D 40 -18.21 25.44 17.76
CA GLU D 40 -18.72 25.67 19.10
C GLU D 40 -19.44 24.43 19.63
N VAL D 41 -20.19 23.74 18.76
CA VAL D 41 -20.85 22.49 19.13
C VAL D 41 -19.82 21.43 19.52
N VAL D 42 -18.78 21.29 18.71
CA VAL D 42 -17.73 20.29 18.92
C VAL D 42 -16.98 20.54 20.22
N LEU D 43 -16.55 21.79 20.43
CA LEU D 43 -15.77 22.07 21.64
C LEU D 43 -16.63 21.90 22.89
N GLN D 44 -17.92 22.20 22.80
CA GLN D 44 -18.83 21.88 23.90
C GLN D 44 -18.94 20.38 24.11
N ASN D 45 -19.03 19.60 23.01
CA ASN D 45 -18.98 18.15 23.11
C ASN D 45 -17.66 17.70 23.79
N ARG D 46 -16.52 18.31 23.40
CA ARG D 46 -15.23 17.95 24.01
C ARG D 46 -15.19 18.26 25.51
N ARG D 47 -15.78 19.37 25.92
CA ARG D 47 -15.86 19.69 27.34
C ARG D 47 -16.64 18.62 28.10
N GLY D 48 -17.70 18.09 27.48
CA GLY D 48 -18.45 17.01 28.11
C GLY D 48 -17.63 15.74 28.22
N LEU D 49 -16.84 15.43 27.19
CA LEU D 49 -15.99 14.24 27.22
C LEU D 49 -14.87 14.39 28.24
N ASP D 50 -14.25 15.56 28.32
CA ASP D 50 -13.22 15.76 29.33
C ASP D 50 -13.81 15.63 30.73
N LEU D 51 -15.07 16.05 30.91
CA LEU D 51 -15.73 15.87 32.20
C LEU D 51 -15.99 14.39 32.51
N LEU D 52 -16.44 13.63 31.51
CA LEU D 52 -16.63 12.20 31.72
C LEU D 52 -15.33 11.45 32.00
N PHE D 53 -14.22 11.92 31.45
CA PHE D 53 -12.92 11.30 31.67
C PHE D 53 -12.07 12.07 32.70
N LEU D 54 -12.70 12.82 33.59
CA LEU D 54 -11.97 13.74 34.46
C LEU D 54 -10.91 13.01 35.29
N LYS D 55 -11.32 11.98 36.03
N LYS D 55 -11.33 11.98 36.02
CA LYS D 55 -10.36 11.33 36.90
CA LYS D 55 -10.40 11.28 36.91
C LYS D 55 -9.29 10.56 36.14
C LYS D 55 -9.31 10.54 36.14
N GLU D 56 -9.54 10.24 34.87
CA GLU D 56 -8.51 9.71 34.00
C GLU D 56 -7.58 10.78 33.43
N GLY D 57 -7.87 12.06 33.69
CA GLY D 57 -7.11 13.13 33.09
C GLY D 57 -7.66 13.67 31.79
N GLY D 58 -8.93 13.42 31.48
CA GLY D 58 -9.51 13.96 30.26
C GLY D 58 -9.44 12.97 29.10
N LEU D 59 -10.02 13.40 27.99
CA LEU D 59 -10.30 12.49 26.88
C LEU D 59 -9.02 11.99 26.23
N CYS D 60 -8.09 12.91 25.93
CA CYS D 60 -6.89 12.57 25.16
C CYS D 60 -5.95 11.71 25.98
N VAL D 61 -5.75 12.06 27.24
CA VAL D 61 -4.99 11.18 28.14
C VAL D 61 -5.66 9.82 28.25
N ALA D 62 -6.99 9.78 28.38
CA ALA D 62 -7.69 8.50 28.46
C ALA D 62 -7.57 7.67 27.17
N LEU D 63 -7.53 8.31 25.99
CA LEU D 63 -7.32 7.56 24.75
C LEU D 63 -5.85 7.27 24.48
N LYS D 64 -4.94 7.89 25.23
CA LYS D 64 -3.49 7.71 25.04
C LYS D 64 -3.10 8.21 23.65
N GLU D 65 -3.64 9.35 23.26
CA GLU D 65 -3.42 9.91 21.93
C GLU D 65 -2.97 11.36 22.04
N GLU D 66 -2.24 11.81 21.00
CA GLU D 66 -2.03 13.25 20.80
C GLU D 66 -3.38 13.96 20.82
N CYS D 67 -3.42 15.13 21.42
CA CYS D 67 -4.70 15.83 21.52
C CYS D 67 -4.92 16.70 20.29
N SER D 68 -6.07 16.54 19.66
CA SER D 68 -6.43 17.34 18.50
C SER D 68 -6.99 18.68 18.98
N PHE D 69 -6.65 19.74 18.28
CA PHE D 69 -7.17 21.07 18.59
C PHE D 69 -7.66 21.75 17.32
N TYR D 70 -8.62 22.64 17.50
CA TYR D 70 -9.21 23.38 16.39
C TYR D 70 -8.32 24.54 15.99
N VAL D 71 -8.09 24.72 14.71
CA VAL D 71 -7.36 25.88 14.18
C VAL D 71 -8.40 26.87 13.67
N ASP D 72 -8.49 28.03 14.32
CA ASP D 72 -9.49 29.04 14.02
C ASP D 72 -8.93 30.10 13.06
N HIS D 73 -9.58 30.29 11.93
CA HIS D 73 -9.25 31.39 11.03
C HIS D 73 -10.43 32.34 10.83
N SER D 74 -11.38 32.35 11.75
CA SER D 74 -12.63 33.05 11.47
C SER D 74 -12.39 34.54 11.29
N GLY D 75 -11.57 35.15 12.16
CA GLY D 75 -11.31 36.57 12.00
C GLY D 75 -10.67 36.92 10.68
N ALA D 76 -9.67 36.14 10.27
CA ALA D 76 -9.01 36.42 9.00
C ALA D 76 -9.98 36.24 7.83
N ILE D 77 -10.81 35.20 7.86
CA ILE D 77 -11.71 34.99 6.73
C ILE D 77 -12.75 36.11 6.67
N ARG D 78 -13.34 36.45 7.83
CA ARG D 78 -14.33 37.53 7.84
C ARG D 78 -13.71 38.84 7.34
N ASP D 79 -12.48 39.14 7.77
CA ASP D 79 -11.78 40.35 7.30
C ASP D 79 -11.57 40.32 5.79
N SER D 80 -11.09 39.18 5.27
CA SER D 80 -10.77 39.10 3.85
C SER D 80 -12.02 39.26 3.00
N MET D 81 -13.12 38.61 3.40
CA MET D 81 -14.35 38.72 2.62
C MET D 81 -15.02 40.08 2.81
N SER D 82 -14.93 40.68 4.00
CA SER D 82 -15.48 42.01 4.16
C SER D 82 -14.78 43.00 3.21
N LYS D 83 -13.44 42.91 3.08
CA LYS D 83 -12.76 43.83 2.18
C LYS D 83 -13.09 43.52 0.72
N LEU D 84 -13.34 42.25 0.40
CA LEU D 84 -13.75 41.93 -0.95
C LEU D 84 -15.13 42.50 -1.26
N ARG D 85 -16.08 42.41 -0.33
CA ARG D 85 -17.38 43.02 -0.58
C ARG D 85 -17.23 44.52 -0.81
N GLU D 86 -16.37 45.19 -0.03
CA GLU D 86 -16.17 46.63 -0.17
C GLU D 86 -15.63 46.98 -1.54
N ARG D 87 -14.65 46.22 -2.02
CA ARG D 87 -14.08 46.52 -3.33
C ARG D 87 -15.09 46.28 -4.45
N LEU D 88 -15.90 45.22 -4.32
CA LEU D 88 -16.97 44.95 -5.28
C LEU D 88 -17.99 46.07 -5.29
N GLU D 89 -18.40 46.53 -4.11
CA GLU D 89 -19.41 47.60 -4.04
C GLU D 89 -18.86 48.91 -4.58
N LYS D 90 -17.57 49.16 -4.32
CA LYS D 90 -16.90 50.35 -4.80
C LYS D 90 -16.86 50.40 -6.31
N ARG D 91 -16.43 49.31 -6.95
CA ARG D 91 -16.40 49.26 -8.41
C ARG D 91 -17.79 49.43 -8.97
N HIS D 92 -18.78 48.82 -8.33
CA HIS D 92 -20.15 48.92 -8.77
C HIS D 92 -20.62 50.37 -8.74
N LYS D 93 -20.32 51.08 -7.64
CA LYS D 93 -20.71 52.48 -7.54
C LYS D 93 -19.99 53.32 -8.60
N GLU D 94 -18.71 53.02 -8.85
CA GLU D 94 -17.96 53.73 -9.88
C GLU D 94 -18.52 53.48 -11.27
N LYS D 95 -18.92 52.25 -11.58
CA LYS D 95 -19.60 52.01 -12.85
C LYS D 95 -20.90 52.79 -12.94
N GLU D 96 -21.64 52.91 -11.83
CA GLU D 96 -22.94 53.57 -11.96
C GLU D 96 -22.79 55.07 -12.09
N ALA D 97 -21.74 55.64 -11.49
CA ALA D 97 -21.50 57.08 -11.56
C ALA D 97 -21.17 57.53 -12.97
N GLY D 98 -20.29 56.80 -13.66
CA GLY D 98 -19.88 57.17 -15.01
C GLY D 98 -19.28 56.00 -15.75
N LEU E 13 -7.60 37.31 -20.88
CA LEU E 13 -8.07 37.31 -19.50
C LEU E 13 -9.29 36.38 -19.36
N HIS E 14 -10.16 36.39 -20.37
CA HIS E 14 -11.42 35.66 -20.27
C HIS E 14 -11.22 34.22 -19.80
N ARG E 15 -10.40 33.46 -20.52
CA ARG E 15 -10.25 32.04 -20.20
C ARG E 15 -9.37 31.82 -18.96
N ILE E 16 -8.37 32.66 -18.72
CA ILE E 16 -7.57 32.53 -17.50
C ILE E 16 -8.46 32.62 -16.27
N VAL E 17 -9.37 33.59 -16.28
CA VAL E 17 -10.29 33.79 -15.16
C VAL E 17 -11.27 32.62 -15.03
N THR E 18 -11.75 32.11 -16.16
CA THR E 18 -12.63 30.94 -16.15
C THR E 18 -11.97 29.77 -15.43
N GLU E 19 -10.69 29.51 -15.74
CA GLU E 19 -9.96 28.45 -15.04
C GLU E 19 -9.99 28.66 -13.53
N ASP E 20 -9.67 29.86 -13.09
CA ASP E 20 -9.56 30.13 -11.66
C ASP E 20 -10.91 30.04 -10.98
N LEU E 21 -11.98 30.57 -11.59
CA LEU E 21 -13.31 30.47 -11.00
C LEU E 21 -13.76 29.01 -10.88
N GLN E 22 -13.54 28.20 -11.91
CA GLN E 22 -13.91 26.79 -11.84
C GLN E 22 -13.25 26.11 -10.65
N ALA E 23 -11.97 26.37 -10.43
CA ALA E 23 -11.26 25.76 -9.31
C ALA E 23 -11.86 26.19 -7.97
N LEU E 24 -12.21 27.46 -7.83
CA LEU E 24 -12.78 27.93 -6.56
C LEU E 24 -14.17 27.35 -6.35
N GLU E 25 -14.96 27.27 -7.42
CA GLU E 25 -16.27 26.64 -7.35
C GLU E 25 -16.14 25.21 -6.84
N LYS E 26 -15.24 24.43 -7.46
CA LYS E 26 -15.09 23.04 -7.05
C LYS E 26 -14.70 22.92 -5.57
N SER E 27 -13.83 23.79 -5.11
CA SER E 27 -13.31 23.67 -3.75
C SER E 27 -14.34 24.12 -2.72
N VAL E 28 -15.12 25.15 -3.05
CA VAL E 28 -16.22 25.57 -2.16
C VAL E 28 -17.26 24.46 -2.05
N SER E 29 -17.57 23.83 -3.18
CA SER E 29 -18.50 22.70 -3.14
C SER E 29 -17.94 21.50 -2.40
N ASN E 30 -16.65 21.21 -2.53
CA ASN E 30 -16.04 20.17 -1.68
C ASN E 30 -16.12 20.55 -0.20
N LEU E 31 -15.81 21.80 0.14
CA LEU E 31 -15.90 22.21 1.52
C LEU E 31 -17.31 22.06 2.05
N GLU E 32 -18.33 22.39 1.23
CA GLU E 32 -19.70 22.27 1.73
C GLU E 32 -20.09 20.81 1.96
N GLU E 33 -19.74 19.92 1.01
CA GLU E 33 -20.02 18.50 1.20
C GLU E 33 -19.33 17.97 2.46
N SER E 34 -18.05 18.31 2.68
CA SER E 34 -17.35 17.85 3.88
C SER E 34 -17.97 18.41 5.15
N LEU E 35 -18.25 19.72 5.15
CA LEU E 35 -18.81 20.35 6.34
C LEU E 35 -20.16 19.74 6.71
N THR E 36 -21.03 19.51 5.72
CA THR E 36 -22.33 18.93 6.01
C THR E 36 -22.18 17.51 6.57
N SER E 37 -21.31 16.71 5.96
CA SER E 37 -21.04 15.38 6.49
C SER E 37 -20.51 15.46 7.92
N LEU E 38 -19.62 16.41 8.21
CA LEU E 38 -19.10 16.54 9.57
C LEU E 38 -20.21 16.89 10.55
N SER E 39 -21.12 17.80 10.16
CA SER E 39 -22.21 18.17 11.06
C SER E 39 -23.06 16.95 11.48
N GLU E 40 -23.17 15.94 10.63
CA GLU E 40 -23.97 14.76 10.98
C GLU E 40 -23.25 13.88 11.99
N VAL E 41 -21.94 13.75 11.83
CA VAL E 41 -21.11 13.08 12.85
C VAL E 41 -21.21 13.78 14.19
N VAL E 42 -21.09 15.13 14.18
CA VAL E 42 -21.08 15.89 15.42
C VAL E 42 -22.42 15.77 16.15
N LEU E 43 -23.51 15.88 15.40
CA LEU E 43 -24.81 15.86 16.06
C LEU E 43 -25.14 14.45 16.54
N GLN E 44 -24.60 13.45 15.87
CA GLN E 44 -24.68 12.10 16.37
C GLN E 44 -23.88 11.94 17.65
N ASN E 45 -22.68 12.56 17.69
CA ASN E 45 -21.91 12.57 18.93
C ASN E 45 -22.68 13.25 20.04
N ARG E 46 -23.36 14.37 19.74
CA ARG E 46 -24.12 15.09 20.79
C ARG E 46 -25.26 14.24 21.35
N ARG E 47 -25.96 13.48 20.50
CA ARG E 47 -27.01 12.57 20.98
C ARG E 47 -26.41 11.53 21.94
N GLY E 48 -25.22 11.03 21.63
CA GLY E 48 -24.52 10.15 22.54
C GLY E 48 -24.24 10.78 23.90
N LEU E 49 -23.81 12.03 23.89
CA LEU E 49 -23.54 12.75 25.14
C LEU E 49 -24.82 13.03 25.91
N ASP E 50 -25.90 13.37 25.21
CA ASP E 50 -27.17 13.59 25.89
C ASP E 50 -27.67 12.31 26.55
N LEU E 51 -27.42 11.14 25.93
CA LEU E 51 -27.72 9.87 26.55
C LEU E 51 -26.85 9.63 27.78
N LEU E 52 -25.55 9.82 27.64
CA LEU E 52 -24.64 9.65 28.78
C LEU E 52 -24.99 10.56 29.94
N PHE E 53 -25.42 11.79 29.64
CA PHE E 53 -25.73 12.77 30.68
C PHE E 53 -27.22 12.85 30.97
N LEU E 54 -27.98 11.81 30.63
CA LEU E 54 -29.44 11.90 30.76
C LEU E 54 -29.87 12.14 32.20
N LYS E 55 -29.23 11.46 33.16
CA LYS E 55 -29.60 11.67 34.56
C LYS E 55 -29.49 13.14 34.93
N GLU E 56 -28.47 13.82 34.42
CA GLU E 56 -28.17 15.21 34.75
C GLU E 56 -28.90 16.19 33.86
N GLY E 57 -29.80 15.72 32.99
CA GLY E 57 -30.57 16.60 32.14
C GLY E 57 -29.93 16.91 30.79
N GLY E 58 -28.99 16.10 30.34
CA GLY E 58 -28.32 16.31 29.08
C GLY E 58 -27.00 17.07 29.23
N LEU E 59 -26.29 17.14 28.09
CA LEU E 59 -24.94 17.69 28.04
C LEU E 59 -24.91 19.13 28.55
N CYS E 60 -25.74 20.01 27.98
CA CYS E 60 -25.63 21.45 28.26
C CYS E 60 -26.04 21.76 29.70
N VAL E 61 -27.07 21.11 30.20
CA VAL E 61 -27.44 21.29 31.61
C VAL E 61 -26.31 20.78 32.52
N ALA E 62 -25.74 19.63 32.19
CA ALA E 62 -24.70 19.07 33.05
C ALA E 62 -23.49 20.00 33.14
N LEU E 63 -23.16 20.66 32.05
CA LEU E 63 -22.06 21.61 31.97
C LEU E 63 -22.43 22.99 32.51
N LYS E 64 -23.69 23.26 32.76
CA LYS E 64 -24.15 24.59 33.18
C LYS E 64 -23.83 25.65 32.13
N GLU E 65 -24.10 25.31 30.88
CA GLU E 65 -23.80 26.21 29.77
C GLU E 65 -25.02 26.45 28.88
N GLU E 66 -25.01 27.57 28.17
CA GLU E 66 -25.96 27.76 27.08
C GLU E 66 -25.61 26.76 26.00
N CYS E 67 -26.64 26.19 25.38
CA CYS E 67 -26.41 25.13 24.40
C CYS E 67 -26.01 25.74 23.06
N SER E 68 -24.89 25.28 22.50
CA SER E 68 -24.50 25.72 21.17
C SER E 68 -25.23 24.92 20.10
N PHE E 69 -25.46 25.55 18.96
CA PHE E 69 -26.23 24.96 17.87
C PHE E 69 -25.54 25.24 16.54
N TYR E 70 -25.84 24.38 15.56
CA TYR E 70 -25.24 24.43 14.24
C TYR E 70 -26.07 25.30 13.32
N VAL E 71 -25.41 26.20 12.61
CA VAL E 71 -26.03 27.04 11.59
C VAL E 71 -25.74 26.44 10.23
N ASP E 72 -26.80 25.99 9.56
CA ASP E 72 -26.74 25.17 8.35
C ASP E 72 -27.02 26.04 7.15
N HIS E 73 -26.05 26.19 6.26
CA HIS E 73 -26.21 26.97 5.04
C HIS E 73 -26.10 26.12 3.77
N SER E 74 -26.19 24.79 3.88
CA SER E 74 -25.97 23.93 2.72
C SER E 74 -26.87 24.27 1.52
N GLY E 75 -28.15 24.54 1.77
CA GLY E 75 -29.04 24.87 0.68
C GLY E 75 -28.58 26.11 -0.07
N ALA E 76 -28.21 27.16 0.65
CA ALA E 76 -27.79 28.39 0.00
C ALA E 76 -26.49 28.18 -0.76
N ILE E 77 -25.53 27.50 -0.16
CA ILE E 77 -24.25 27.31 -0.81
C ILE E 77 -24.40 26.47 -2.06
N ARG E 78 -25.16 25.37 -1.95
CA ARG E 78 -25.33 24.46 -3.08
C ARG E 78 -26.04 25.13 -4.25
N ASP E 79 -27.10 25.90 -3.96
CA ASP E 79 -27.80 26.62 -5.03
C ASP E 79 -26.89 27.68 -5.65
N SER E 80 -26.14 28.41 -4.83
CA SER E 80 -25.26 29.43 -5.37
C SER E 80 -24.21 28.81 -6.29
N MET E 81 -23.62 27.68 -5.88
CA MET E 81 -22.60 27.04 -6.71
C MET E 81 -23.20 26.31 -7.93
N SER E 82 -24.42 25.80 -7.82
CA SER E 82 -25.11 25.26 -9.00
C SER E 82 -25.19 26.31 -10.11
N LYS E 83 -25.78 27.46 -9.80
CA LYS E 83 -25.93 28.50 -10.83
C LYS E 83 -24.57 28.91 -11.36
N LEU E 84 -23.55 28.98 -10.50
CA LEU E 84 -22.22 29.39 -10.95
C LEU E 84 -21.63 28.35 -11.92
N ARG E 85 -21.81 27.07 -11.59
CA ARG E 85 -21.35 25.99 -12.45
C ARG E 85 -22.02 26.06 -13.82
N GLU E 86 -23.34 26.31 -13.83
CA GLU E 86 -24.06 26.46 -15.08
C GLU E 86 -23.45 27.57 -15.92
N ARG E 87 -23.33 28.78 -15.35
CA ARG E 87 -22.69 29.88 -16.05
C ARG E 87 -21.33 29.46 -16.60
N LEU E 88 -20.66 28.53 -15.94
CA LEU E 88 -19.57 27.77 -16.55
C LEU E 88 -18.50 28.66 -17.16
N LYS F 8 -4.07 48.87 -21.73
CA LYS F 8 -3.94 49.26 -20.33
C LYS F 8 -5.23 48.98 -19.56
N GLY F 9 -6.36 49.03 -20.27
CA GLY F 9 -7.62 48.62 -19.66
C GLY F 9 -7.64 47.12 -19.36
N LEU F 10 -7.06 46.32 -20.25
CA LEU F 10 -6.84 44.92 -19.95
C LEU F 10 -5.98 44.74 -18.70
N SER F 11 -4.92 45.56 -18.56
CA SER F 11 -4.03 45.39 -17.41
C SER F 11 -4.74 45.72 -16.11
N ASN F 12 -5.51 46.81 -16.07
CA ASN F 12 -6.20 47.19 -14.84
C ASN F 12 -7.18 46.10 -14.41
N LEU F 13 -7.95 45.56 -15.37
CA LEU F 13 -8.90 44.51 -15.04
C LEU F 13 -8.20 43.25 -14.56
N HIS F 14 -7.07 42.89 -15.20
CA HIS F 14 -6.34 41.72 -14.75
C HIS F 14 -5.85 41.91 -13.31
N ARG F 15 -5.29 43.09 -13.02
CA ARG F 15 -4.85 43.37 -11.65
C ARG F 15 -6.00 43.20 -10.65
N ILE F 16 -7.20 43.65 -11.03
CA ILE F 16 -8.31 43.69 -10.08
C ILE F 16 -8.83 42.28 -9.84
N VAL F 17 -9.11 41.52 -10.91
CA VAL F 17 -9.65 40.18 -10.69
C VAL F 17 -8.64 39.35 -9.93
N THR F 18 -7.35 39.57 -10.19
CA THR F 18 -6.31 38.79 -9.54
C THR F 18 -6.29 39.03 -8.04
N GLU F 19 -6.52 40.27 -7.60
CA GLU F 19 -6.58 40.54 -6.16
C GLU F 19 -7.78 39.84 -5.53
N ASP F 20 -8.92 39.82 -6.22
CA ASP F 20 -10.11 39.23 -5.64
C ASP F 20 -9.98 37.71 -5.64
N LEU F 21 -9.38 37.14 -6.69
CA LEU F 21 -9.15 35.71 -6.70
C LEU F 21 -8.16 35.29 -5.63
N GLN F 22 -7.12 36.11 -5.36
CA GLN F 22 -6.18 35.79 -4.29
C GLN F 22 -6.87 35.80 -2.93
N ALA F 23 -7.82 36.72 -2.72
CA ALA F 23 -8.51 36.78 -1.42
C ALA F 23 -9.39 35.56 -1.22
N LEU F 24 -10.07 35.14 -2.29
CA LEU F 24 -10.90 33.93 -2.22
C LEU F 24 -10.05 32.69 -2.03
N GLU F 25 -8.87 32.64 -2.65
CA GLU F 25 -8.00 31.48 -2.47
C GLU F 25 -7.50 31.39 -1.04
N LYS F 26 -7.02 32.52 -0.49
CA LYS F 26 -6.54 32.51 0.90
C LYS F 26 -7.64 32.04 1.84
N SER F 27 -8.87 32.49 1.60
CA SER F 27 -9.96 32.19 2.52
C SER F 27 -10.41 30.74 2.38
N VAL F 28 -10.43 30.21 1.15
CA VAL F 28 -10.77 28.80 0.94
C VAL F 28 -9.71 27.92 1.59
N SER F 29 -8.45 28.30 1.47
CA SER F 29 -7.38 27.54 2.11
C SER F 29 -7.48 27.62 3.63
N ASN F 30 -7.85 28.78 4.17
CA ASN F 30 -8.05 28.86 5.61
C ASN F 30 -9.24 28.00 6.02
N LEU F 31 -10.32 28.04 5.25
CA LEU F 31 -11.46 27.18 5.58
C LEU F 31 -11.05 25.71 5.61
N GLU F 32 -10.29 25.28 4.61
CA GLU F 32 -9.88 23.87 4.55
C GLU F 32 -9.04 23.50 5.76
N GLU F 33 -8.11 24.37 6.16
CA GLU F 33 -7.28 24.07 7.31
C GLU F 33 -8.12 23.97 8.59
N SER F 34 -9.06 24.90 8.79
CA SER F 34 -9.94 24.85 9.96
C SER F 34 -10.82 23.62 9.94
N LEU F 35 -11.49 23.35 8.80
CA LEU F 35 -12.39 22.23 8.73
C LEU F 35 -11.66 20.90 8.95
N THR F 36 -10.45 20.77 8.40
CA THR F 36 -9.72 19.52 8.56
C THR F 36 -9.33 19.33 10.02
N SER F 37 -8.84 20.40 10.66
CA SER F 37 -8.50 20.31 12.08
C SER F 37 -9.74 20.00 12.93
N LEU F 38 -10.90 20.55 12.57
CA LEU F 38 -12.10 20.22 13.33
C LEU F 38 -12.51 18.76 13.13
N SER F 39 -12.33 18.23 11.92
CA SER F 39 -12.70 16.83 11.72
C SER F 39 -11.86 15.91 12.61
N GLU F 40 -10.61 16.29 12.92
CA GLU F 40 -9.75 15.48 13.78
C GLU F 40 -10.23 15.51 15.22
N VAL F 41 -10.64 16.70 15.68
CA VAL F 41 -11.27 16.82 16.98
C VAL F 41 -12.54 15.97 17.05
N VAL F 42 -13.39 16.06 16.02
CA VAL F 42 -14.65 15.32 16.04
C VAL F 42 -14.41 13.82 16.07
N LEU F 43 -13.49 13.33 15.21
CA LEU F 43 -13.26 11.90 15.15
C LEU F 43 -12.63 11.40 16.43
N GLN F 44 -11.80 12.21 17.09
CA GLN F 44 -11.26 11.85 18.39
C GLN F 44 -12.36 11.80 19.44
N ASN F 45 -13.28 12.76 19.39
CA ASN F 45 -14.45 12.73 20.26
C ASN F 45 -15.25 11.44 20.05
N ARG F 46 -15.41 11.03 18.78
CA ARG F 46 -16.11 9.78 18.47
C ARG F 46 -15.38 8.59 19.07
N ARG F 47 -14.03 8.60 19.07
CA ARG F 47 -13.34 7.45 19.67
C ARG F 47 -13.57 7.38 21.18
N GLY F 48 -13.67 8.54 21.84
CA GLY F 48 -13.99 8.54 23.24
C GLY F 48 -15.38 8.03 23.51
N LEU F 49 -16.34 8.38 22.63
CA LEU F 49 -17.70 7.87 22.81
C LEU F 49 -17.79 6.37 22.58
N ASP F 50 -17.09 5.84 21.56
CA ASP F 50 -17.04 4.39 21.37
C ASP F 50 -16.44 3.69 22.59
N LEU F 51 -15.47 4.32 23.26
CA LEU F 51 -14.91 3.76 24.48
C LEU F 51 -15.94 3.80 25.60
N LEU F 52 -16.66 4.91 25.73
CA LEU F 52 -17.67 4.99 26.78
C LEU F 52 -18.80 3.99 26.55
N PHE F 53 -19.13 3.70 25.29
CA PHE F 53 -20.21 2.78 24.99
C PHE F 53 -19.71 1.39 24.59
N LEU F 54 -18.56 0.98 25.10
CA LEU F 54 -17.92 -0.23 24.59
C LEU F 54 -18.77 -1.46 24.84
N LYS F 55 -19.35 -1.56 26.03
CA LYS F 55 -20.21 -2.69 26.38
C LYS F 55 -21.43 -2.79 25.48
N GLU F 56 -21.93 -1.66 24.97
CA GLU F 56 -23.10 -1.66 24.11
C GLU F 56 -22.71 -1.78 22.63
N GLY F 57 -21.44 -2.00 22.33
CA GLY F 57 -21.04 -2.12 20.96
C GLY F 57 -20.74 -0.80 20.27
N GLY F 58 -20.50 0.26 21.00
CA GLY F 58 -20.17 1.52 20.40
C GLY F 58 -21.33 2.49 20.39
N LEU F 59 -21.00 3.73 20.02
CA LEU F 59 -21.96 4.83 20.02
C LEU F 59 -23.18 4.52 19.14
N CYS F 60 -22.94 4.13 17.89
CA CYS F 60 -24.07 4.04 16.95
C CYS F 60 -25.00 2.89 17.33
N VAL F 61 -24.44 1.76 17.76
CA VAL F 61 -25.24 0.68 18.30
C VAL F 61 -26.00 1.14 19.55
N ALA F 62 -25.35 1.86 20.45
CA ALA F 62 -26.03 2.28 21.68
C ALA F 62 -27.20 3.20 21.35
N LEU F 63 -27.06 4.04 20.33
CA LEU F 63 -28.13 4.94 19.93
C LEU F 63 -29.17 4.28 19.00
N LYS F 64 -28.92 3.05 18.56
CA LYS F 64 -29.77 2.38 17.58
C LYS F 64 -29.93 3.22 16.31
N GLU F 65 -28.79 3.67 15.78
CA GLU F 65 -28.78 4.53 14.61
C GLU F 65 -27.82 4.04 13.53
N GLU F 66 -28.15 4.38 12.28
CA GLU F 66 -27.18 4.40 11.18
C GLU F 66 -25.99 5.26 11.59
N CYS F 67 -24.77 4.75 11.38
CA CYS F 67 -23.56 5.45 11.78
C CYS F 67 -23.13 6.43 10.70
N SER F 68 -22.87 7.68 11.08
CA SER F 68 -22.43 8.71 10.14
C SER F 68 -20.91 8.75 10.05
N PHE F 69 -20.41 9.10 8.85
CA PHE F 69 -18.99 9.17 8.54
C PHE F 69 -18.65 10.50 7.88
N TYR F 70 -17.43 10.96 8.14
CA TYR F 70 -16.92 12.22 7.60
C TYR F 70 -16.37 12.01 6.19
N VAL F 71 -16.76 12.90 5.27
CA VAL F 71 -16.27 12.94 3.90
C VAL F 71 -15.14 13.97 3.81
N ASP F 72 -13.95 13.50 3.49
CA ASP F 72 -12.72 14.29 3.45
C ASP F 72 -12.43 14.66 1.99
N HIS F 73 -12.29 15.96 1.72
CA HIS F 73 -11.81 16.39 0.41
C HIS F 73 -10.52 17.20 0.53
N SER F 74 -9.75 16.98 1.60
CA SER F 74 -8.63 17.86 1.92
C SER F 74 -7.59 17.87 0.80
N GLY F 75 -7.19 16.70 0.31
CA GLY F 75 -6.17 16.66 -0.72
C GLY F 75 -6.60 17.38 -1.99
N ALA F 76 -7.84 17.13 -2.43
CA ALA F 76 -8.35 17.78 -3.63
C ALA F 76 -8.39 19.29 -3.47
N ILE F 77 -8.74 19.77 -2.27
CA ILE F 77 -8.84 21.21 -2.10
C ILE F 77 -7.44 21.84 -2.09
N ARG F 78 -6.52 21.22 -1.37
CA ARG F 78 -5.17 21.79 -1.24
C ARG F 78 -4.46 21.82 -2.59
N ASP F 79 -4.66 20.79 -3.42
CA ASP F 79 -4.01 20.76 -4.73
C ASP F 79 -4.61 21.81 -5.66
N SER F 80 -5.94 21.91 -5.67
CA SER F 80 -6.63 22.94 -6.44
C SER F 80 -6.10 24.32 -6.09
N MET F 81 -6.08 24.64 -4.80
CA MET F 81 -5.66 25.96 -4.38
C MET F 81 -4.17 26.16 -4.59
N SER F 82 -3.37 25.09 -4.55
CA SER F 82 -1.93 25.21 -4.80
C SER F 82 -1.68 25.66 -6.23
N LYS F 83 -2.29 24.97 -7.19
CA LYS F 83 -2.15 25.36 -8.58
C LYS F 83 -2.70 26.75 -8.81
N LEU F 84 -3.88 27.04 -8.25
CA LEU F 84 -4.45 28.37 -8.42
C LEU F 84 -3.46 29.43 -7.95
N ARG F 85 -2.75 29.16 -6.86
CA ARG F 85 -1.72 30.07 -6.38
C ARG F 85 -0.64 30.29 -7.43
N GLU F 86 -0.16 29.20 -8.03
CA GLU F 86 0.90 29.28 -9.01
C GLU F 86 0.49 30.19 -10.17
N ARG F 87 -0.71 29.97 -10.71
CA ARG F 87 -1.18 30.80 -11.80
C ARG F 87 -1.30 32.27 -11.38
N LEU F 88 -1.81 32.52 -10.16
CA LEU F 88 -1.97 33.90 -9.72
C LEU F 88 -0.63 34.58 -9.40
N GLU F 89 0.40 33.81 -9.06
CA GLU F 89 1.71 34.36 -8.75
C GLU F 89 2.55 34.58 -10.00
N LYS F 90 2.26 33.86 -11.08
CA LYS F 90 2.95 34.04 -12.35
C LYS F 90 2.50 35.32 -13.04
#